data_8G8E
#
_entry.id   8G8E
#
_cell.length_a   1.00
_cell.length_b   1.00
_cell.length_c   1.00
_cell.angle_alpha   90.00
_cell.angle_beta   90.00
_cell.angle_gamma   90.00
#
_symmetry.space_group_name_H-M   'P 1'
#
loop_
_entity.id
_entity.type
_entity.pdbx_description
1 polymer 'LIN28B DNA (32-MER)'
2 polymer 'LIN28B DNA (32-MER)'
3 polymer 'POU domain, class 5, transcription factor 1'
#
loop_
_entity_poly.entity_id
_entity_poly.type
_entity_poly.pdbx_seq_one_letter_code
_entity_poly.pdbx_strand_id
1 'polydeoxyribonucleotide'
;(DG)(DC)(DA)(DT)(DA)(DA)(DG)(DT)(DT)(DA)(DA)(DG)(DT)(DG)(DG)(DT)(DA)(DT)(DT)(DA)
(DA)(DC)(DA)(DT)(DA)(DT)(DC)(DC)(DT)(DC)(DA)(DG)(DT)(DG)(DG)(DT)(DG)(DA)(DG)(DT)
(DA)(DT)(DT)(DA)(DA)(DC)(DA)(DT)(DG)(DG)(DA)(DA)(DC)(DT)(DT)(DA)(DC)(DT)(DC)(DC)
(DA)(DA)(DC)(DA)(DA)(DT)(DA)(DC)(DA)(DG)(DA)(DT)(DG)(DC)(DT)(DG)(DA)(DA)(DT)(DA)
(DA)(DA)(DT)(DG)(DT)(DA)(DG)(DT)(DC)(DT)(DA)(DA)(DG)(DT)(DG)(DA)(DA)(DG)(DA)(DA)
(DA)(DG)(DA)(DA)(DG)(DG)(DA)(DA)(DA)(DG)(DG)(DT)(DG)(DG)(DG)(DA)(DG)(DC)(DT)(DG)
(DC)(DC)(DA)(DT)(DC)(DA)(DC)(DT)(DC)(DA)(DG)(DA)(DA)(DT)(DT)(DG)(DT)(DC)(DC)(DA)
(DG)(DC)(DA)(DG)(DG)(DG)(DA)(DT)(DT)(DG)(DT)(DG)(DC)(DA)(DA)(DG)(DC)(DT)(DT)(DG)
(DT)(DG)(DA)(DA)(DT)(DA)(DA)(DA)(DG)(DA)(DC)(DA)(DC)(DA)(DT)(DA)(DC)(DT)(DT)(DC)
(DA)(DT)
;
J
2 'polydeoxyribonucleotide'
;(DA)(DT)(DG)(DA)(DA)(DG)(DT)(DA)(DT)(DG)(DT)(DG)(DT)(DC)(DT)(DT)(DT)(DA)(DT)(DT)
(DC)(DA)(DC)(DA)(DA)(DG)(DC)(DT)(DT)(DG)(DC)(DA)(DC)(DA)(DA)(DT)(DC)(DC)(DC)(DT)
(DG)(DC)(DT)(DG)(DG)(DA)(DC)(DA)(DA)(DT)(DT)(DC)(DT)(DG)(DA)(DG)(DT)(DG)(DA)(DT)
(DG)(DG)(DC)(DA)(DG)(DC)(DT)(DC)(DC)(DC)(DA)(DC)(DC)(DT)(DT)(DT)(DC)(DC)(DT)(DT)
(DC)(DT)(DT)(DT)(DC)(DT)(DT)(DC)(DA)(DC)(DT)(DT)(DA)(DG)(DA)(DC)(DT)(DA)(DC)(DA)
(DT)(DT)(DT)(DA)(DT)(DT)(DC)(DA)(DG)(DC)(DA)(DT)(DC)(DT)(DG)(DT)(DA)(DT)(DT)(DG)
(DT)(DT)(DG)(DG)(DA)(DG)(DT)(DA)(DA)(DG)(DT)(DT)(DC)(DC)(DA)(DT)(DG)(DT)(DT)(DA)
(DA)(DT)(DA)(DC)(DT)(DC)(DA)(DC)(DC)(DA)(DC)(DT)(DG)(DA)(DG)(DG)(DA)(DT)(DA)(DT)
(DG)(DT)(DT)(DA)(DA)(DT)(DA)(DC)(DC)(DA)(DC)(DT)(DT)(DA)(DA)(DC)(DT)(DT)(DA)(DT)
(DG)(DC)
;
I
3 'polypeptide(L)'
;GSSHHHHHHSSGLVPRGSHMASMTGGQQMGRDPNSMAGHLASDFAFSPPPGGGGDGPGGPEPGWVDPRTWLSFQGPPGGP
GIGPGVGPGSEVWGIPPCPPPYEFCGGMAYCGPQVGVGLVPQGGLETSQPEGEAGVGVESNSDGASPEPCTVTPGAVKLE
KEKLEQNPEESQDIKALQKELEQFAKLLKQKRITLGYTQADVGLTLGVLFGKVFSQTTICRFEALQLSFKNMCKLRPLLQ
KWVEEADNNENLQEICKAETLVQARKRKRTSIENRVRGNLENLFLQCPKPTLQQISHIAQQLGLEKDVVRVWFCNRRQKG
KRSSSDYAQREDFEAAGSPFSGGPVSFPLAPGPHFGTPGYGSPHFTALYSSVPFPEGEAFPPVSVTTLGSPMHSN
;
X
#
# COMPACT_ATOMS: atom_id res chain seq x y z
N LYS C 175 -11.08 9.65 -20.96
CA LYS C 175 -11.77 9.04 -22.09
C LYS C 175 -11.02 7.81 -22.59
N ALA C 176 -10.30 7.98 -23.71
CA ALA C 176 -9.49 6.91 -24.27
C ALA C 176 -8.27 6.60 -23.40
N LEU C 177 -8.01 7.42 -22.39
CA LEU C 177 -6.95 7.10 -21.43
C LEU C 177 -7.20 5.74 -20.80
N GLN C 178 -8.46 5.33 -20.66
CA GLN C 178 -8.76 4.01 -20.13
C GLN C 178 -8.17 2.91 -21.01
N LYS C 179 -8.44 2.97 -22.31
CA LYS C 179 -7.95 1.92 -23.20
C LYS C 179 -6.44 2.02 -23.38
N GLU C 180 -5.88 3.23 -23.35
CA GLU C 180 -4.43 3.35 -23.47
C GLU C 180 -3.75 2.75 -22.24
N LEU C 181 -4.29 3.00 -21.05
CA LEU C 181 -3.79 2.34 -19.84
C LEU C 181 -3.91 0.83 -19.96
N GLU C 182 -5.04 0.34 -20.49
CA GLU C 182 -5.24 -1.10 -20.58
C GLU C 182 -4.23 -1.75 -21.51
N GLN C 183 -3.99 -1.12 -22.67
CA GLN C 183 -2.97 -1.61 -23.58
C GLN C 183 -1.59 -1.59 -22.95
N PHE C 184 -1.27 -0.50 -22.24
CA PHE C 184 0.02 -0.43 -21.56
C PHE C 184 0.14 -1.53 -20.53
N ALA C 185 -0.93 -1.82 -19.80
CA ALA C 185 -0.87 -2.83 -18.75
C ALA C 185 -0.70 -4.22 -19.34
N LYS C 186 -1.37 -4.51 -20.45
CA LYS C 186 -1.18 -5.81 -21.09
C LYS C 186 0.26 -5.98 -21.57
N LEU C 187 0.80 -4.94 -22.23
CA LEU C 187 2.20 -5.04 -22.61
C LEU C 187 3.12 -5.13 -21.40
N LEU C 188 2.77 -4.46 -20.30
CA LEU C 188 3.56 -4.53 -19.07
C LEU C 188 3.59 -5.94 -18.52
N LYS C 189 2.43 -6.62 -18.52
CA LYS C 189 2.40 -8.01 -18.12
C LYS C 189 3.28 -8.85 -19.02
N GLN C 190 3.23 -8.61 -20.33
CA GLN C 190 4.07 -9.39 -21.24
C GLN C 190 5.56 -9.17 -20.96
N LYS C 191 5.99 -7.91 -20.76
CA LYS C 191 7.41 -7.70 -20.46
C LYS C 191 7.80 -8.29 -19.12
N ARG C 192 6.93 -8.20 -18.11
CA ARG C 192 7.29 -8.78 -16.81
C ARG C 192 7.45 -10.30 -16.92
N ILE C 193 6.53 -10.95 -17.63
CA ILE C 193 6.65 -12.40 -17.79
C ILE C 193 7.87 -12.76 -18.63
N THR C 194 8.19 -11.95 -19.63
CA THR C 194 9.34 -12.24 -20.47
C THR C 194 10.66 -12.03 -19.73
N LEU C 195 10.71 -11.07 -18.81
CA LEU C 195 11.94 -10.73 -18.12
C LEU C 195 12.22 -11.62 -16.91
N GLY C 196 11.29 -12.49 -16.53
CA GLY C 196 11.50 -13.35 -15.39
C GLY C 196 11.58 -12.63 -14.06
N TYR C 197 10.66 -11.69 -13.83
CA TYR C 197 10.59 -10.94 -12.58
C TYR C 197 9.23 -11.18 -11.91
N THR C 198 9.26 -11.52 -10.63
CA THR C 198 8.05 -11.62 -9.84
C THR C 198 7.57 -10.23 -9.44
N GLN C 199 6.30 -10.13 -9.04
CA GLN C 199 5.75 -8.83 -8.67
C GLN C 199 6.44 -8.26 -7.44
N ALA C 200 6.76 -9.12 -6.46
CA ALA C 200 7.56 -8.65 -5.34
C ALA C 200 8.93 -8.16 -5.81
N ASP C 201 9.53 -8.86 -6.77
CA ASP C 201 10.76 -8.39 -7.37
C ASP C 201 10.56 -7.07 -8.10
N VAL C 202 9.39 -6.89 -8.74
CA VAL C 202 9.11 -5.61 -9.39
C VAL C 202 9.05 -4.48 -8.38
N GLY C 203 8.40 -4.73 -7.24
CA GLY C 203 8.37 -3.73 -6.18
C GLY C 203 9.76 -3.43 -5.64
N LEU C 204 10.58 -4.46 -5.48
CA LEU C 204 11.95 -4.25 -5.01
C LEU C 204 12.76 -3.42 -6.01
N THR C 205 12.60 -3.69 -7.31
CA THR C 205 13.30 -2.90 -8.32
C THR C 205 12.81 -1.46 -8.32
N LEU C 206 11.51 -1.25 -8.20
CA LEU C 206 10.98 0.11 -8.12
C LEU C 206 11.55 0.84 -6.91
N GLY C 207 11.66 0.14 -5.79
CA GLY C 207 12.25 0.76 -4.61
C GLY C 207 13.71 1.11 -4.78
N VAL C 208 14.50 0.19 -5.35
CA VAL C 208 15.93 0.44 -5.49
C VAL C 208 16.26 1.36 -6.65
N LEU C 209 15.29 1.68 -7.51
CA LEU C 209 15.53 2.65 -8.58
C LEU C 209 14.82 3.98 -8.39
N PHE C 210 13.86 4.08 -7.47
CA PHE C 210 13.19 5.35 -7.23
C PHE C 210 13.14 5.70 -5.75
N GLY C 211 13.11 4.69 -4.89
CA GLY C 211 12.99 4.90 -3.46
C GLY C 211 11.60 4.65 -2.90
N LYS C 212 10.57 4.66 -3.74
CA LYS C 212 9.21 4.38 -3.31
C LYS C 212 8.90 2.92 -3.63
N VAL C 213 9.34 2.03 -2.74
CA VAL C 213 9.08 0.60 -2.90
C VAL C 213 7.60 0.34 -2.73
N PHE C 214 7.03 -0.43 -3.66
CA PHE C 214 5.62 -0.78 -3.62
C PHE C 214 5.45 -2.26 -3.35
N SER C 215 4.33 -2.60 -2.74
CA SER C 215 4.03 -3.99 -2.40
C SER C 215 3.43 -4.71 -3.60
N GLN C 216 3.59 -6.04 -3.59
CA GLN C 216 3.15 -6.84 -4.72
C GLN C 216 1.64 -6.81 -4.92
N THR C 217 0.88 -6.47 -3.89
CA THR C 217 -0.56 -6.33 -4.06
C THR C 217 -0.89 -5.19 -5.03
N THR C 218 -0.13 -4.10 -4.95
CA THR C 218 -0.36 -2.99 -5.87
C THR C 218 -0.07 -3.40 -7.32
N ILE C 219 1.00 -4.16 -7.52
CA ILE C 219 1.32 -4.62 -8.87
C ILE C 219 0.25 -5.59 -9.38
N CYS C 220 -0.25 -6.47 -8.51
CA CYS C 220 -1.35 -7.35 -8.89
C CYS C 220 -2.57 -6.54 -9.33
N ARG C 221 -3.00 -5.60 -8.49
CA ARG C 221 -4.17 -4.81 -8.82
C ARG C 221 -3.94 -3.94 -10.03
N PHE C 222 -2.69 -3.61 -10.34
CA PHE C 222 -2.37 -2.91 -11.57
C PHE C 222 -2.58 -3.81 -12.79
N GLU C 223 -1.86 -4.93 -12.83
CA GLU C 223 -1.92 -5.82 -13.98
C GLU C 223 -3.33 -6.35 -14.21
N ALA C 224 -4.12 -6.49 -13.14
CA ALA C 224 -5.52 -6.84 -13.28
C ALA C 224 -6.42 -5.62 -13.42
N LEU C 225 -5.85 -4.41 -13.39
CA LEU C 225 -6.58 -3.16 -13.56
C LEU C 225 -7.67 -3.02 -12.50
N GLN C 226 -7.24 -3.09 -11.24
CA GLN C 226 -8.16 -2.96 -10.11
C GLN C 226 -8.06 -1.63 -9.41
N LEU C 227 -6.91 -0.96 -9.47
CA LEU C 227 -6.72 0.30 -8.78
C LEU C 227 -7.59 1.38 -9.39
N SER C 228 -7.74 2.47 -8.64
CA SER C 228 -8.57 3.58 -9.10
C SER C 228 -7.86 4.36 -10.21
N PHE C 229 -8.64 5.20 -10.88
CA PHE C 229 -8.13 5.93 -12.05
C PHE C 229 -6.98 6.86 -11.69
N LYS C 230 -7.15 7.64 -10.61
CA LYS C 230 -6.07 8.54 -10.20
C LYS C 230 -4.81 7.75 -9.87
N ASN C 231 -4.98 6.64 -9.13
CA ASN C 231 -3.84 5.79 -8.82
C ASN C 231 -3.28 5.17 -10.10
N MET C 232 -4.15 4.82 -11.04
CA MET C 232 -3.73 4.29 -12.33
C MET C 232 -2.74 5.24 -13.00
N CYS C 233 -3.14 6.51 -13.13
CA CYS C 233 -2.27 7.50 -13.74
C CYS C 233 -1.02 7.73 -12.90
N LYS C 234 -1.16 7.68 -11.58
CA LYS C 234 -0.01 7.96 -10.71
C LYS C 234 1.09 6.93 -10.87
N LEU C 235 0.73 5.65 -10.97
CA LEU C 235 1.75 4.62 -11.17
C LEU C 235 2.10 4.36 -12.63
N ARG C 236 1.41 4.97 -13.59
CA ARG C 236 1.86 4.82 -14.97
C ARG C 236 3.31 5.24 -15.17
N PRO C 237 3.77 6.43 -14.75
CA PRO C 237 5.12 6.86 -15.15
C PRO C 237 6.24 6.01 -14.56
N LEU C 238 6.11 5.58 -13.31
CA LEU C 238 7.17 4.78 -12.69
C LEU C 238 7.40 3.48 -13.46
N LEU C 239 6.31 2.81 -13.82
CA LEU C 239 6.43 1.56 -14.57
C LEU C 239 6.94 1.82 -15.98
N GLN C 240 6.51 2.91 -16.60
CA GLN C 240 7.07 3.29 -17.90
C GLN C 240 8.58 3.41 -17.82
N LYS C 241 9.07 4.16 -16.82
CA LYS C 241 10.51 4.34 -16.68
C LYS C 241 11.22 3.03 -16.40
N TRP C 242 10.64 2.17 -15.56
CA TRP C 242 11.30 0.92 -15.25
C TRP C 242 11.42 0.03 -16.48
N VAL C 243 10.34 -0.08 -17.27
CA VAL C 243 10.41 -0.92 -18.46
C VAL C 243 11.33 -0.31 -19.50
N GLU C 244 11.44 1.02 -19.54
CA GLU C 244 12.32 1.63 -20.52
C GLU C 244 13.78 1.63 -20.09
N GLU C 245 14.06 1.38 -18.81
CA GLU C 245 15.43 1.41 -18.31
C GLU C 245 16.04 0.03 -18.05
N ALA C 246 15.26 -0.91 -17.51
CA ALA C 246 15.82 -2.18 -17.04
C ALA C 246 16.30 -3.08 -18.16
N ASP C 247 15.99 -2.76 -19.42
CA ASP C 247 16.34 -3.65 -20.53
C ASP C 247 17.83 -3.72 -20.80
N ASN C 248 18.63 -2.81 -20.25
CA ASN C 248 20.05 -2.74 -20.62
C ASN C 248 20.86 -3.81 -19.90
N ASN C 249 20.88 -3.77 -18.57
CA ASN C 249 21.62 -4.74 -17.79
C ASN C 249 20.85 -5.07 -16.52
N GLU C 250 20.83 -6.36 -16.15
CA GLU C 250 20.09 -6.82 -15.00
C GLU C 250 20.96 -7.23 -13.83
N ASN C 251 22.21 -7.63 -14.08
CA ASN C 251 23.05 -8.18 -13.02
C ASN C 251 23.36 -7.14 -11.95
N LEU C 252 23.79 -5.94 -12.37
CA LEU C 252 24.13 -4.92 -11.39
C LEU C 252 22.90 -4.48 -10.60
N GLN C 253 21.75 -4.36 -11.27
CA GLN C 253 20.53 -4.01 -10.56
C GLN C 253 20.16 -5.08 -9.54
N GLU C 254 20.32 -6.35 -9.90
CA GLU C 254 20.03 -7.42 -8.97
C GLU C 254 20.96 -7.37 -7.78
N ILE C 255 22.24 -7.10 -8.00
CA ILE C 255 23.22 -7.07 -6.92
C ILE C 255 23.08 -5.78 -6.14
N ARG C 265 11.47 1.72 1.99
CA ARG C 265 10.55 2.81 2.34
C ARG C 265 9.10 2.38 2.13
N LYS C 266 8.68 1.37 2.88
CA LYS C 266 7.31 0.89 2.81
C LYS C 266 6.44 1.73 3.72
N ARG C 267 5.15 1.85 3.36
CA ARG C 267 4.20 2.42 4.28
C ARG C 267 3.89 1.40 5.38
N LYS C 268 4.81 1.27 6.34
CA LYS C 268 4.69 0.33 7.45
C LYS C 268 3.29 0.33 8.01
N ARG C 269 2.64 -0.83 8.00
CA ARG C 269 1.22 -0.94 8.36
C ARG C 269 1.13 -2.05 9.40
N THR C 270 1.25 -1.66 10.67
CA THR C 270 1.22 -2.63 11.76
C THR C 270 -0.17 -3.24 11.88
N SER C 271 -0.22 -4.55 12.07
CA SER C 271 -1.50 -5.23 12.22
C SER C 271 -1.96 -5.19 13.67
N ILE C 272 -3.25 -5.42 13.88
CA ILE C 272 -3.85 -5.47 15.21
C ILE C 272 -4.32 -6.90 15.45
N GLU C 273 -3.88 -7.49 16.55
CA GLU C 273 -4.29 -8.84 16.88
C GLU C 273 -5.66 -8.82 17.53
N ASN C 274 -6.32 -9.98 17.53
CA ASN C 274 -7.75 -10.04 17.83
C ASN C 274 -8.08 -9.61 19.25
N ARG C 275 -7.23 -9.94 20.23
CA ARG C 275 -7.52 -9.54 21.60
C ARG C 275 -7.37 -8.03 21.78
N VAL C 276 -6.38 -7.42 21.11
CA VAL C 276 -6.29 -5.96 21.11
C VAL C 276 -7.51 -5.35 20.46
N ARG C 277 -7.98 -5.96 19.36
CA ARG C 277 -9.19 -5.47 18.70
C ARG C 277 -10.39 -5.53 19.64
N GLY C 278 -10.54 -6.64 20.35
CA GLY C 278 -11.65 -6.77 21.29
C GLY C 278 -11.56 -5.80 22.44
N ASN C 279 -10.34 -5.59 22.97
CA ASN C 279 -10.16 -4.63 24.05
C ASN C 279 -10.50 -3.22 23.59
N LEU C 280 -10.08 -2.85 22.39
CA LEU C 280 -10.39 -1.51 21.88
C LEU C 280 -11.88 -1.35 21.63
N GLU C 281 -12.54 -2.40 21.11
CA GLU C 281 -13.98 -2.34 20.96
C GLU C 281 -14.68 -2.18 22.31
N ASN C 282 -14.16 -2.85 23.34
CA ASN C 282 -14.66 -2.64 24.70
C ASN C 282 -14.44 -1.20 25.15
N LEU C 283 -13.30 -0.61 24.78
CA LEU C 283 -13.05 0.79 25.09
C LEU C 283 -14.03 1.71 24.37
N PHE C 284 -14.53 1.31 23.21
CA PHE C 284 -15.68 2.00 22.64
C PHE C 284 -16.98 1.52 23.30
N LEU C 285 -18.08 2.07 22.82
CA LEU C 285 -19.43 1.97 23.36
C LEU C 285 -19.59 2.76 24.65
N GLN C 286 -18.52 3.36 25.17
CA GLN C 286 -18.61 4.23 26.35
C GLN C 286 -18.09 5.63 26.11
N CYS C 287 -16.97 5.79 25.41
CA CYS C 287 -16.39 7.10 25.10
C CYS C 287 -15.96 7.11 23.63
N PRO C 288 -16.83 7.58 22.73
CA PRO C 288 -16.52 7.49 21.29
C PRO C 288 -15.26 8.23 20.89
N LYS C 289 -15.02 9.43 21.44
CA LYS C 289 -13.88 10.25 21.05
C LYS C 289 -13.09 10.56 22.31
N PRO C 290 -12.14 9.71 22.66
CA PRO C 290 -11.30 9.98 23.84
C PRO C 290 -10.30 11.09 23.58
N THR C 291 -9.83 11.67 24.68
CA THR C 291 -8.81 12.71 24.63
C THR C 291 -7.43 12.09 24.46
N LEU C 292 -6.45 12.92 24.10
CA LEU C 292 -5.08 12.45 23.99
C LEU C 292 -4.56 11.94 25.32
N GLN C 293 -5.04 12.52 26.43
CA GLN C 293 -4.63 12.06 27.76
C GLN C 293 -5.02 10.60 27.97
N GLN C 294 -6.24 10.23 27.53
CA GLN C 294 -6.64 8.83 27.60
C GLN C 294 -5.97 7.99 26.51
N ILE C 295 -5.68 8.59 25.36
CA ILE C 295 -5.06 7.87 24.27
C ILE C 295 -3.68 7.36 24.67
N SER C 296 -2.92 8.19 25.37
CA SER C 296 -1.60 7.77 25.84
C SER C 296 -1.70 6.56 26.76
N HIS C 297 -2.68 6.60 27.68
CA HIS C 297 -2.89 5.46 28.58
C HIS C 297 -3.28 4.21 27.80
N ILE C 298 -4.16 4.35 26.81
CA ILE C 298 -4.57 3.21 26.01
C ILE C 298 -3.37 2.62 25.28
N ALA C 299 -2.54 3.49 24.70
CA ALA C 299 -1.37 3.04 23.97
C ALA C 299 -0.40 2.29 24.88
N GLN C 300 -0.15 2.83 26.08
CA GLN C 300 0.76 2.14 27.00
C GLN C 300 0.14 0.84 27.49
N GLN C 301 -1.18 0.79 27.65
CA GLN C 301 -1.84 -0.41 28.14
C GLN C 301 -1.69 -1.55 27.14
N LEU C 302 -1.99 -1.30 25.87
CA LEU C 302 -1.93 -2.37 24.87
C LEU C 302 -0.62 -2.41 24.08
N GLY C 303 0.39 -1.63 24.46
CA GLY C 303 1.67 -1.79 23.82
C GLY C 303 1.74 -1.33 22.39
N LEU C 304 0.80 -0.50 21.96
CA LEU C 304 0.78 0.00 20.59
C LEU C 304 1.36 1.41 20.52
N GLU C 305 1.90 1.74 19.35
CA GLU C 305 2.44 3.07 19.14
C GLU C 305 1.33 4.12 19.22
N LYS C 306 1.70 5.32 19.65
CA LYS C 306 0.72 6.39 19.80
C LYS C 306 0.11 6.76 18.45
N ASP C 307 0.93 6.88 17.40
CA ASP C 307 0.40 7.21 16.09
C ASP C 307 -0.47 6.09 15.54
N VAL C 308 -0.07 4.85 15.77
CA VAL C 308 -0.89 3.72 15.32
C VAL C 308 -2.25 3.75 16.00
N VAL C 309 -2.27 3.98 17.32
CA VAL C 309 -3.55 3.98 18.03
C VAL C 309 -4.39 5.18 17.58
N ARG C 310 -3.75 6.33 17.32
CA ARG C 310 -4.50 7.50 16.89
C ARG C 310 -5.16 7.27 15.53
N VAL C 311 -4.40 6.73 14.57
CA VAL C 311 -4.97 6.50 13.24
C VAL C 311 -6.02 5.41 13.30
N TRP C 312 -5.83 4.38 14.15
CA TRP C 312 -6.83 3.33 14.24
C TRP C 312 -8.10 3.88 14.85
N PHE C 313 -7.97 4.79 15.82
CA PHE C 313 -9.13 5.44 16.42
C PHE C 313 -9.88 6.26 15.38
N CYS C 314 -9.13 7.00 14.57
CA CYS C 314 -9.75 7.80 13.51
C CYS C 314 -10.51 6.91 12.52
N ASN C 315 -9.90 5.79 12.13
CA ASN C 315 -10.59 4.92 11.17
C ASN C 315 -11.76 4.17 11.79
N ARG C 316 -11.69 3.87 13.09
CA ARG C 316 -12.84 3.35 13.80
C ARG C 316 -14.00 4.32 13.72
N ARG C 317 -13.74 5.58 14.06
CA ARG C 317 -14.78 6.60 13.93
C ARG C 317 -15.29 6.68 12.49
N GLN C 318 -14.38 6.56 11.54
CA GLN C 318 -14.73 6.72 10.13
C GLN C 318 -15.70 5.61 9.70
N LYS C 319 -15.39 4.37 10.04
CA LYS C 319 -16.24 3.27 9.58
C LYS C 319 -17.54 3.22 10.39
N GLY C 320 -17.52 3.68 11.64
CA GLY C 320 -18.76 3.80 12.39
C GLY C 320 -19.65 4.93 11.91
N LYS C 321 -19.06 5.96 11.30
CA LYS C 321 -19.85 7.04 10.73
C LYS C 321 -20.27 6.77 9.29
N ARG C 322 -19.66 5.77 8.64
CA ARG C 322 -20.19 5.31 7.35
C ARG C 322 -21.68 5.01 7.43
N SER C 323 -22.08 4.22 8.41
CA SER C 323 -23.49 3.82 8.53
C SER C 323 -24.26 4.84 9.37
#